data_4H79
#
_entry.id   4H79
#
_cell.length_a   86.749
_cell.length_b   86.749
_cell.length_c   70.016
_cell.angle_alpha   90.000
_cell.angle_beta   90.000
_cell.angle_gamma   120.000
#
_symmetry.space_group_name_H-M   'P 61'
#
loop_
_entity.id
_entity.type
_entity.pdbx_description
1 polymer 'CRISPR-associated protein, Cse2 family'
2 non-polymer 1,2-ETHANEDIOL
3 water water
#
_entity_poly.entity_id   1
_entity_poly.type   'polypeptide(L)'
_entity_poly.pdbx_seq_one_letter_code
;GSMTTTETPKTISLTWVGTFVDQRVREIQEGYRLDNPRAVATLARLRRGAGKEIGDTPDLWGLILDDRFYADAPPLKEKD
MEVAENSAHIALTLYAIHQQSRRDDRMHQRGWGLGEAVRRLMPSSEIDEPLRKRFVQVGHAVTYKALAQRLREIVTLLRR
DAIPLDYGLLADQLYQFRTPQGAQRVRTAWGRGFHAYRPKTTQNPDSTTTTEKDNS
;
_entity_poly.pdbx_strand_id   A
#
# COMPACT_ATOMS: atom_id res chain seq x y z
N SER A 13 -13.43 -5.04 -6.10
CA SER A 13 -14.29 -4.23 -5.17
C SER A 13 -13.54 -4.01 -3.87
N LEU A 14 -13.59 -2.78 -3.38
CA LEU A 14 -12.96 -2.43 -2.11
C LEU A 14 -13.95 -2.34 -0.92
N THR A 15 -13.48 -2.77 0.24
CA THR A 15 -14.27 -2.58 1.46
C THR A 15 -14.11 -1.09 1.85
N TRP A 16 -14.66 -0.73 2.99
CA TRP A 16 -14.66 0.67 3.48
C TRP A 16 -13.26 1.16 3.69
N VAL A 17 -12.33 0.28 4.12
CA VAL A 17 -10.90 0.73 4.31
C VAL A 17 -10.24 1.13 3.00
N GLY A 18 -10.25 0.21 2.03
CA GLY A 18 -9.64 0.44 0.69
C GLY A 18 -10.39 1.51 -0.07
N THR A 19 -11.70 1.64 0.09
CA THR A 19 -12.46 2.68 -0.64
C THR A 19 -12.02 4.09 -0.22
N PHE A 20 -11.85 4.27 1.09
CA PHE A 20 -11.32 5.53 1.62
C PHE A 20 -9.93 5.79 1.11
N VAL A 21 -9.05 4.78 1.22
CA VAL A 21 -7.64 5.00 0.89
C VAL A 21 -7.51 5.32 -0.61
N ASP A 22 -8.27 4.62 -1.45
CA ASP A 22 -8.25 4.92 -2.88
C ASP A 22 -8.62 6.41 -3.15
N GLN A 23 -9.72 6.90 -2.51
CA GLN A 23 -10.20 8.26 -2.72
C GLN A 23 -9.15 9.26 -2.15
N ARG A 24 -8.59 8.99 -0.96
CA ARG A 24 -7.65 9.90 -0.36
C ARG A 24 -6.31 9.97 -1.20
N VAL A 25 -5.77 8.82 -1.62
CA VAL A 25 -4.51 8.80 -2.41
C VAL A 25 -4.80 9.48 -3.77
N ARG A 26 -5.98 9.26 -4.37
CA ARG A 26 -6.28 9.93 -5.66
C ARG A 26 -6.20 11.46 -5.50
N GLU A 27 -6.76 11.96 -4.38
CA GLU A 27 -6.75 13.39 -4.09
C GLU A 27 -5.34 13.90 -3.97
N ILE A 28 -4.51 13.23 -3.15
CA ILE A 28 -3.14 13.70 -2.96
C ILE A 28 -2.36 13.56 -4.28
N GLN A 29 -2.60 12.46 -4.98
CA GLN A 29 -1.89 12.20 -6.23
C GLN A 29 -2.20 13.30 -7.29
N GLU A 30 -3.46 13.68 -7.42
CA GLU A 30 -3.83 14.73 -8.41
C GLU A 30 -3.20 16.08 -7.97
N GLY A 31 -3.23 16.37 -6.66
CA GLY A 31 -2.58 17.60 -6.12
C GLY A 31 -1.05 17.55 -6.43
N TYR A 32 -0.40 16.39 -6.30
CA TYR A 32 1.04 16.30 -6.58
C TYR A 32 1.33 16.52 -8.03
N ARG A 33 0.46 15.96 -8.89
CA ARG A 33 0.50 16.17 -10.34
C ARG A 33 0.46 17.66 -10.72
N LEU A 34 -0.45 18.40 -10.07
CA LEU A 34 -0.56 19.87 -10.20
C LEU A 34 0.53 20.65 -9.45
N ASP A 35 1.45 19.97 -8.76
CA ASP A 35 2.48 20.66 -7.96
C ASP A 35 1.83 21.54 -6.87
N ASN A 36 0.68 21.11 -6.36
CA ASN A 36 0.03 21.79 -5.26
C ASN A 36 0.91 21.69 -3.97
N PRO A 37 1.15 22.85 -3.33
CA PRO A 37 2.08 22.86 -2.15
C PRO A 37 1.57 22.00 -1.00
N ARG A 38 0.25 21.95 -0.76
CA ARG A 38 -0.28 21.14 0.32
C ARG A 38 0.01 19.64 0.06
N ALA A 39 -0.24 19.19 -1.16
CA ALA A 39 -0.01 17.78 -1.58
C ALA A 39 1.51 17.46 -1.44
N VAL A 40 2.37 18.35 -1.94
CA VAL A 40 3.81 18.14 -1.84
C VAL A 40 4.26 17.98 -0.35
N ALA A 41 3.79 18.88 0.51
CA ALA A 41 4.15 18.85 1.96
C ALA A 41 3.59 17.62 2.62
N THR A 42 2.33 17.24 2.28
CA THR A 42 1.74 16.07 2.88
C THR A 42 2.51 14.77 2.58
N LEU A 43 2.87 14.57 1.32
CA LEU A 43 3.65 13.37 0.93
C LEU A 43 5.02 13.43 1.63
N ALA A 44 5.67 14.61 1.66
CA ALA A 44 7.00 14.71 2.35
C ALA A 44 6.87 14.40 3.82
N ARG A 45 5.84 14.94 4.47
CA ARG A 45 5.66 14.64 5.94
C ARG A 45 5.37 13.15 6.21
N LEU A 46 4.58 12.52 5.32
CA LEU A 46 4.35 11.08 5.40
C LEU A 46 5.67 10.27 5.31
N ARG A 47 6.53 10.62 4.32
CA ARG A 47 7.83 9.98 4.31
C ARG A 47 8.67 10.21 5.57
N ARG A 48 8.67 11.42 6.10
CA ARG A 48 9.51 11.74 7.25
C ARG A 48 8.95 10.99 8.47
N GLY A 49 7.63 10.77 8.49
CA GLY A 49 6.96 9.98 9.56
C GLY A 49 7.14 8.47 9.51
N ALA A 50 7.70 7.94 8.42
CA ALA A 50 7.78 6.48 8.20
C ALA A 50 8.51 5.76 9.34
N GLY A 51 7.89 4.67 9.82
CA GLY A 51 8.45 3.80 10.85
C GLY A 51 8.29 4.30 12.28
N LYS A 52 7.23 5.05 12.57
CA LYS A 52 7.10 5.76 13.86
C LYS A 52 5.79 5.62 14.63
N LEU A 60 0.90 13.26 11.30
CA LEU A 60 -0.39 13.68 11.82
C LEU A 60 -1.52 12.89 11.14
N TRP A 61 -2.31 12.28 12.01
CA TRP A 61 -3.61 11.69 11.68
C TRP A 61 -4.43 12.43 10.66
N GLY A 62 -4.66 13.73 10.92
CA GLY A 62 -5.58 14.59 10.15
C GLY A 62 -5.29 14.66 8.66
N LEU A 63 -4.02 14.40 8.28
CA LEU A 63 -3.61 14.35 6.86
C LEU A 63 -4.04 13.04 6.21
N ILE A 64 -3.88 11.96 6.96
CA ILE A 64 -4.20 10.66 6.43
C ILE A 64 -5.72 10.48 6.47
N LEU A 65 -6.30 10.65 7.67
CA LEU A 65 -7.67 10.13 8.00
C LEU A 65 -8.63 11.25 8.37
N ASP A 66 -9.71 11.40 7.63
CA ASP A 66 -10.74 12.40 7.96
C ASP A 66 -12.07 11.70 8.17
N ASP A 67 -13.11 12.48 8.38
CA ASP A 67 -14.41 11.93 8.87
C ASP A 67 -15.00 10.93 7.84
N ARG A 68 -14.58 11.05 6.57
CA ARG A 68 -15.12 10.13 5.54
C ARG A 68 -14.72 8.70 5.84
N PHE A 69 -13.55 8.51 6.44
CA PHE A 69 -13.03 7.17 6.83
C PHE A 69 -13.91 6.51 7.90
N TYR A 70 -14.33 7.32 8.91
CA TYR A 70 -15.11 6.81 10.06
C TYR A 70 -16.59 6.69 9.74
N ALA A 71 -17.06 7.54 8.82
CA ALA A 71 -18.53 7.73 8.65
C ALA A 71 -19.24 6.50 8.05
N ASP A 72 -18.54 5.73 7.23
CA ASP A 72 -19.12 4.56 6.61
C ASP A 72 -18.70 3.23 7.30
N ALA A 73 -17.89 3.30 8.36
CA ALA A 73 -17.32 2.08 8.91
C ALA A 73 -18.43 1.18 9.48
N PRO A 74 -18.34 -0.13 9.22
CA PRO A 74 -19.35 -1.09 9.71
C PRO A 74 -19.04 -1.35 11.19
N PRO A 75 -19.95 -2.05 11.87
CA PRO A 75 -19.70 -2.51 13.25
C PRO A 75 -18.36 -3.20 13.30
N LEU A 76 -17.61 -3.00 14.37
CA LEU A 76 -16.23 -3.48 14.42
C LEU A 76 -15.88 -4.25 15.68
N LYS A 77 -15.12 -5.36 15.56
CA LYS A 77 -14.54 -6.06 16.74
C LYS A 77 -13.59 -5.18 17.60
N GLU A 78 -13.19 -5.69 18.78
CA GLU A 78 -12.37 -4.95 19.78
C GLU A 78 -11.20 -4.05 19.28
N LYS A 79 -10.15 -4.59 18.69
CA LYS A 79 -9.06 -3.68 18.28
C LYS A 79 -9.01 -3.43 16.77
N ASP A 80 -10.13 -3.70 16.10
CA ASP A 80 -10.14 -3.70 14.64
C ASP A 80 -10.05 -2.27 14.03
N MET A 81 -10.61 -1.27 14.73
CA MET A 81 -10.50 0.11 14.25
C MET A 81 -9.04 0.54 14.21
N GLU A 82 -8.27 0.18 15.26
CA GLU A 82 -6.84 0.55 15.36
C GLU A 82 -6.04 -0.07 14.22
N VAL A 83 -6.40 -1.31 13.85
CA VAL A 83 -5.71 -2.03 12.79
C VAL A 83 -6.06 -1.35 11.45
N ALA A 84 -7.34 -1.02 11.23
CA ALA A 84 -7.77 -0.33 10.01
C ALA A 84 -7.09 1.02 9.86
N GLU A 85 -7.00 1.78 10.97
CA GLU A 85 -6.30 3.08 10.94
C GLU A 85 -4.80 2.89 10.62
N ASN A 86 -4.20 1.90 11.29
CA ASN A 86 -2.81 1.55 10.98
C ASN A 86 -2.57 1.08 9.51
N SER A 87 -3.50 0.29 8.99
CA SER A 87 -3.43 -0.14 7.60
C SER A 87 -3.49 1.02 6.64
N ALA A 88 -4.41 1.96 6.87
CA ALA A 88 -4.48 3.21 6.06
C ALA A 88 -3.21 4.02 6.18
N HIS A 89 -2.71 4.11 7.41
CA HIS A 89 -1.46 4.87 7.65
C HIS A 89 -0.27 4.26 6.89
N ILE A 90 -0.13 2.91 6.97
CA ILE A 90 0.97 2.23 6.22
C ILE A 90 0.81 2.45 4.69
N ALA A 91 -0.43 2.25 4.19
CA ALA A 91 -0.65 2.40 2.75
C ALA A 91 -0.27 3.80 2.27
N LEU A 92 -0.77 4.83 2.97
CA LEU A 92 -0.46 6.23 2.59
C LEU A 92 1.01 6.53 2.65
N THR A 93 1.69 6.00 3.68
CA THR A 93 3.19 6.25 3.82
C THR A 93 3.90 5.57 2.68
N LEU A 94 3.51 4.30 2.38
CA LEU A 94 4.13 3.61 1.22
C LEU A 94 3.88 4.39 -0.08
N TYR A 95 2.65 4.83 -0.30
CA TYR A 95 2.39 5.61 -1.52
C TYR A 95 3.29 6.87 -1.61
N ALA A 96 3.45 7.58 -0.47
CA ALA A 96 4.32 8.79 -0.44
C ALA A 96 5.76 8.47 -0.86
N ILE A 97 6.25 7.33 -0.41
CA ILE A 97 7.59 6.88 -0.82
C ILE A 97 7.61 6.53 -2.30
N HIS A 98 6.54 5.82 -2.75
CA HIS A 98 6.42 5.39 -4.18
C HIS A 98 6.34 6.53 -5.15
N GLN A 99 5.54 7.56 -4.82
CA GLN A 99 5.31 8.70 -5.74
C GLN A 99 6.47 9.73 -5.83
N GLN A 100 7.36 9.74 -4.84
CA GLN A 100 8.30 10.86 -4.71
C GLN A 100 9.16 11.00 -5.98
N SER A 101 9.17 12.24 -6.53
CA SER A 101 9.93 12.61 -7.72
C SER A 101 9.51 11.83 -8.98
N ARG A 102 8.37 11.18 -8.95
CA ARG A 102 7.87 10.52 -10.15
C ARG A 102 6.86 11.50 -10.71
N ARG A 103 7.33 12.31 -11.63
CA ARG A 103 6.56 13.43 -12.18
C ARG A 103 5.72 12.87 -13.34
N ASP A 104 6.26 11.88 -14.05
CA ASP A 104 5.66 11.40 -15.30
C ASP A 104 4.41 10.55 -15.16
N ASP A 105 4.32 9.75 -14.10
CA ASP A 105 3.30 8.76 -14.04
C ASP A 105 2.60 8.70 -12.65
N ARG A 106 1.34 8.22 -12.63
CA ARG A 106 0.66 7.96 -11.36
C ARG A 106 1.09 6.61 -10.74
N MET A 107 1.59 6.66 -9.52
CA MET A 107 2.06 5.39 -8.85
C MET A 107 0.94 4.64 -8.18
N HIS A 108 -0.20 5.29 -8.00
CA HIS A 108 -1.40 4.59 -7.59
C HIS A 108 -2.35 4.40 -8.79
N GLN A 109 -2.58 3.15 -9.21
CA GLN A 109 -3.51 2.82 -10.33
C GLN A 109 -4.29 1.61 -9.91
N ARG A 110 -5.63 1.70 -10.04
CA ARG A 110 -6.51 0.60 -9.70
C ARG A 110 -6.19 -0.63 -10.53
N GLY A 111 -6.32 -1.80 -9.90
CA GLY A 111 -6.22 -3.07 -10.64
C GLY A 111 -4.81 -3.63 -10.62
N TRP A 112 -3.81 -2.87 -10.13
CA TRP A 112 -2.43 -3.38 -9.99
C TRP A 112 -2.18 -4.10 -8.65
N GLY A 113 -2.27 -5.42 -8.66
CA GLY A 113 -2.01 -6.23 -7.43
C GLY A 113 -0.50 -6.25 -7.15
N LEU A 114 -0.14 -6.46 -5.87
CA LEU A 114 1.27 -6.48 -5.49
C LEU A 114 2.10 -7.60 -6.20
N GLY A 115 1.52 -8.79 -6.32
CA GLY A 115 2.21 -9.94 -6.97
C GLY A 115 2.48 -9.61 -8.46
N GLU A 116 1.46 -9.08 -9.16
CA GLU A 116 1.63 -8.68 -10.58
C GLU A 116 2.71 -7.60 -10.72
N ALA A 117 2.69 -6.61 -9.83
CA ALA A 117 3.69 -5.51 -9.89
C ALA A 117 5.07 -6.04 -9.67
N VAL A 118 5.22 -6.86 -8.64
CA VAL A 118 6.59 -7.39 -8.33
C VAL A 118 7.13 -8.26 -9.52
N ARG A 119 6.26 -9.03 -10.13
CA ARG A 119 6.67 -9.91 -11.26
C ARG A 119 7.28 -9.06 -12.43
N ARG A 120 6.84 -7.80 -12.60
CA ARG A 120 7.36 -6.90 -13.68
C ARG A 120 8.80 -6.53 -13.44
N LEU A 121 9.24 -6.68 -12.20
CA LEU A 121 10.67 -6.40 -11.86
C LEU A 121 11.64 -7.40 -12.47
N MET A 122 11.11 -8.48 -13.04
CA MET A 122 12.02 -9.52 -13.61
C MET A 122 11.52 -9.89 -15.01
N PRO A 123 12.35 -10.55 -15.81
CA PRO A 123 11.89 -10.93 -17.21
C PRO A 123 10.68 -11.86 -17.08
N SER A 124 9.69 -11.77 -17.96
CA SER A 124 8.49 -12.60 -17.83
C SER A 124 8.86 -14.07 -18.03
N SER A 125 9.97 -14.28 -18.74
CA SER A 125 10.66 -15.55 -18.93
C SER A 125 11.12 -16.21 -17.57
N GLU A 126 11.54 -15.40 -16.60
CA GLU A 126 12.45 -15.82 -15.50
C GLU A 126 11.92 -15.46 -14.12
N ILE A 127 12.51 -16.04 -13.09
CA ILE A 127 12.28 -15.62 -11.73
C ILE A 127 13.64 -15.23 -11.08
N ASP A 128 13.77 -13.99 -10.59
CA ASP A 128 14.95 -13.58 -9.77
C ASP A 128 14.74 -14.19 -8.38
N GLU A 129 15.51 -15.23 -8.07
CA GLU A 129 15.26 -16.06 -6.86
C GLU A 129 15.44 -15.29 -5.58
N PRO A 130 16.50 -14.46 -5.48
CA PRO A 130 16.65 -13.66 -4.24
C PRO A 130 15.46 -12.68 -4.07
N LEU A 131 15.00 -12.02 -5.13
CA LEU A 131 13.85 -11.13 -5.02
C LEU A 131 12.56 -11.96 -4.69
N ARG A 132 12.40 -13.11 -5.31
CA ARG A 132 11.19 -13.89 -5.09
C ARG A 132 11.20 -14.37 -3.64
N LYS A 133 12.40 -14.75 -3.14
CA LYS A 133 12.53 -15.19 -1.74
C LYS A 133 12.09 -14.07 -0.80
N ARG A 134 12.58 -12.85 -1.06
CA ARG A 134 12.21 -11.66 -0.24
C ARG A 134 10.72 -11.36 -0.31
N PHE A 135 10.14 -11.51 -1.51
CA PHE A 135 8.71 -11.26 -1.69
C PHE A 135 7.88 -12.24 -0.85
N VAL A 136 8.28 -13.51 -0.90
CA VAL A 136 7.62 -14.55 -0.13
C VAL A 136 7.68 -14.22 1.36
N GLN A 137 8.81 -13.67 1.79
CA GLN A 137 9.02 -13.36 3.20
C GLN A 137 8.14 -12.20 3.69
N VAL A 138 7.73 -11.32 2.78
CA VAL A 138 6.86 -10.20 3.14
C VAL A 138 5.58 -10.72 3.85
N GLY A 139 4.96 -11.76 3.31
CA GLY A 139 3.69 -12.24 3.82
C GLY A 139 3.80 -12.99 5.10
N HIS A 140 5.03 -13.32 5.50
CA HIS A 140 5.26 -14.04 6.75
C HIS A 140 5.68 -13.14 7.93
N ALA A 141 5.66 -11.82 7.74
CA ALA A 141 5.91 -10.84 8.86
C ALA A 141 5.01 -11.12 10.05
N VAL A 142 5.60 -11.16 11.25
CA VAL A 142 4.88 -11.45 12.51
C VAL A 142 4.20 -10.22 13.10
N THR A 143 4.66 -9.03 12.73
CA THR A 143 4.05 -7.77 13.23
C THR A 143 3.79 -6.82 12.07
N TYR A 144 2.88 -5.86 12.30
CA TYR A 144 2.62 -4.82 11.29
C TYR A 144 3.83 -3.96 11.02
N LYS A 145 4.62 -3.69 12.07
CA LYS A 145 5.90 -2.96 11.86
C LYS A 145 6.83 -3.70 10.86
N ALA A 146 6.96 -5.02 10.99
CA ALA A 146 7.82 -5.80 10.10
C ALA A 146 7.21 -5.83 8.71
N LEU A 147 5.88 -5.98 8.65
CA LEU A 147 5.19 -6.03 7.40
C LEU A 147 5.39 -4.70 6.63
N ALA A 148 5.24 -3.58 7.33
CA ALA A 148 5.46 -2.26 6.69
C ALA A 148 6.90 -2.11 6.21
N GLN A 149 7.89 -2.53 7.03
CA GLN A 149 9.34 -2.39 6.65
C GLN A 149 9.63 -3.24 5.41
N ARG A 150 9.05 -4.47 5.38
CA ARG A 150 9.27 -5.39 4.23
C ARG A 150 8.60 -4.83 3.00
N LEU A 151 7.39 -4.31 3.15
CA LEU A 151 6.72 -3.72 1.98
C LEU A 151 7.50 -2.48 1.44
N ARG A 152 8.03 -1.69 2.34
CA ARG A 152 8.79 -0.50 1.92
C ARG A 152 9.94 -0.88 0.95
N GLU A 153 10.64 -1.96 1.27
CA GLU A 153 11.76 -2.41 0.39
C GLU A 153 11.25 -2.74 -1.01
N ILE A 154 10.08 -3.39 -1.07
CA ILE A 154 9.47 -3.78 -2.36
C ILE A 154 9.03 -2.54 -3.12
N VAL A 155 8.36 -1.61 -2.44
CA VAL A 155 7.83 -0.42 -3.12
C VAL A 155 8.99 0.45 -3.64
N THR A 156 10.10 0.49 -2.91
CA THR A 156 11.28 1.21 -3.39
C THR A 156 11.70 0.66 -4.78
N LEU A 157 11.67 -0.67 -4.90
CA LEU A 157 12.07 -1.32 -6.18
C LEU A 157 11.02 -1.03 -7.25
N LEU A 158 9.73 -1.11 -6.87
CA LEU A 158 8.68 -0.77 -7.84
C LEU A 158 8.82 0.68 -8.34
N ARG A 159 9.13 1.62 -7.42
CA ARG A 159 9.32 3.00 -7.82
C ARG A 159 10.42 3.16 -8.84
N ARG A 160 11.56 2.47 -8.64
CA ARG A 160 12.73 2.59 -9.56
C ARG A 160 12.33 2.18 -11.00
N ASP A 161 11.41 1.22 -11.12
CA ASP A 161 10.93 0.74 -12.44
C ASP A 161 9.64 1.45 -12.86
N ALA A 162 9.17 2.40 -12.04
CA ALA A 162 7.96 3.18 -12.33
C ALA A 162 6.75 2.27 -12.50
N ILE A 163 6.67 1.20 -11.72
CA ILE A 163 5.51 0.30 -11.76
C ILE A 163 4.51 0.75 -10.68
N PRO A 164 3.24 0.99 -11.06
CA PRO A 164 2.22 1.44 -10.15
C PRO A 164 1.68 0.30 -9.29
N LEU A 165 0.97 0.66 -8.23
CA LEU A 165 0.28 -0.28 -7.40
C LEU A 165 -1.14 0.25 -7.05
N ASP A 166 -2.09 -0.65 -6.81
CA ASP A 166 -3.42 -0.24 -6.35
C ASP A 166 -3.40 -0.11 -4.84
N TYR A 167 -3.26 1.14 -4.35
CA TYR A 167 -3.19 1.38 -2.89
C TYR A 167 -4.48 1.14 -2.12
N GLY A 168 -5.63 1.28 -2.80
CA GLY A 168 -6.97 0.86 -2.19
C GLY A 168 -6.96 -0.63 -1.91
N LEU A 169 -6.55 -1.40 -2.93
CA LEU A 169 -6.46 -2.85 -2.74
C LEU A 169 -5.44 -3.21 -1.65
N LEU A 170 -4.27 -2.53 -1.70
CA LEU A 170 -3.24 -2.86 -0.72
C LEU A 170 -3.71 -2.58 0.73
N ALA A 171 -4.42 -1.44 0.92
CA ALA A 171 -4.94 -1.09 2.23
C ALA A 171 -5.88 -2.18 2.73
N ASP A 172 -6.78 -2.65 1.86
CA ASP A 172 -7.66 -3.77 2.22
C ASP A 172 -6.91 -4.99 2.72
N GLN A 173 -5.84 -5.31 2.00
CA GLN A 173 -5.07 -6.54 2.26
C GLN A 173 -4.28 -6.35 3.57
N LEU A 174 -3.70 -5.14 3.77
CA LEU A 174 -3.08 -4.80 5.03
C LEU A 174 -4.06 -5.06 6.22
N TYR A 175 -5.30 -4.55 6.13
CA TYR A 175 -6.34 -4.79 7.14
C TYR A 175 -6.64 -6.29 7.24
N GLN A 176 -6.80 -6.97 6.11
CA GLN A 176 -7.13 -8.40 6.08
C GLN A 176 -6.08 -9.26 6.80
N PHE A 177 -4.85 -8.76 6.87
CA PHE A 177 -3.74 -9.46 7.52
C PHE A 177 -3.92 -9.71 9.02
N ARG A 178 -4.94 -9.12 9.67
CA ARG A 178 -4.98 -9.16 11.15
C ARG A 178 -5.21 -10.51 11.70
N THR A 179 -5.80 -11.42 10.89
CA THR A 179 -6.13 -12.82 11.35
C THR A 179 -5.23 -13.81 10.59
N PRO A 180 -4.94 -14.97 11.17
CA PRO A 180 -4.12 -15.94 10.41
C PRO A 180 -4.79 -16.33 9.09
N GLN A 181 -6.11 -16.53 9.14
CA GLN A 181 -6.81 -16.90 7.92
C GLN A 181 -6.82 -15.78 6.85
N GLY A 182 -6.99 -14.54 7.29
CA GLY A 182 -6.85 -13.42 6.34
C GLY A 182 -5.46 -13.29 5.76
N ALA A 183 -4.40 -13.45 6.56
CA ALA A 183 -3.01 -13.44 6.07
C ALA A 183 -2.74 -14.52 4.97
N GLN A 184 -3.26 -15.71 5.18
CA GLN A 184 -3.15 -16.78 4.19
C GLN A 184 -3.85 -16.35 2.88
N ARG A 185 -5.04 -15.74 2.99
CA ARG A 185 -5.77 -15.33 1.81
C ARG A 185 -4.95 -14.25 1.07
N VAL A 186 -4.34 -13.34 1.81
CA VAL A 186 -3.50 -12.31 1.16
C VAL A 186 -2.25 -12.89 0.49
N ARG A 187 -1.51 -13.75 1.20
CA ARG A 187 -0.35 -14.46 0.58
C ARG A 187 -0.77 -15.21 -0.70
N THR A 188 -1.92 -15.88 -0.63
CA THR A 188 -2.43 -16.62 -1.80
C THR A 188 -2.72 -15.65 -2.96
N ALA A 189 -3.35 -14.52 -2.68
CA ALA A 189 -3.63 -13.52 -3.76
C ALA A 189 -2.32 -12.98 -4.38
N TRP A 190 -1.32 -12.73 -3.52
CA TRP A 190 -0.02 -12.22 -4.02
C TRP A 190 0.69 -13.29 -4.85
N GLY A 191 0.69 -14.54 -4.36
CA GLY A 191 1.25 -15.70 -5.07
C GLY A 191 0.66 -15.85 -6.44
N ARG A 192 -0.68 -15.85 -6.52
CA ARG A 192 -1.42 -15.96 -7.77
C ARG A 192 -1.07 -14.81 -8.72
N GLY A 193 -1.03 -13.58 -8.22
CA GLY A 193 -0.75 -12.45 -9.09
C GLY A 193 0.66 -12.48 -9.61
N PHE A 194 1.59 -12.95 -8.79
CA PHE A 194 2.99 -13.07 -9.25
C PHE A 194 3.15 -14.03 -10.48
N HIS A 195 2.39 -15.12 -10.49
CA HIS A 195 2.45 -16.13 -11.59
C HIS A 195 1.43 -15.92 -12.70
N ALA A 196 0.52 -14.94 -12.58
CA ALA A 196 -0.60 -14.76 -13.53
C ALA A 196 -0.29 -14.61 -15.05
#